data_8B5U
#
_entry.id   8B5U
#
_cell.length_a   66.762
_cell.length_b   66.762
_cell.length_c   242.920
_cell.angle_alpha   90.000
_cell.angle_beta   90.000
_cell.angle_gamma   120.000
#
_symmetry.space_group_name_H-M   'P 65 2 2'
#
loop_
_entity.id
_entity.type
_entity.pdbx_description
1 polymer 'Quinonoid dihydropteridine reductase'
2 water water
#
_entity_poly.entity_id   1
_entity_poly.type   'polypeptide(L)'
_entity_poly.pdbx_seq_one_letter_code
;MGSSHHHHHHSSGENLYFQGHMKNVLLIGACGALGRAVANAFAKGKWSIISVDQAAAVQQGDGCGAVNPASSIEELQQAY
KSAVTGLKVDAVINVAGGWAGGSVADARTAASTELMLRQSLFSSVAAAHVFSTQGEKDGLLLLTGAAAALSPTPGMIGYG
TAKSAVHFLCQSIAADPSVLPTDASVLAILPTILDTPGNRSAMPHADRSTWTSLEDVAQQIVEWSNGSRRPASGSLVKIV
TENSKTRFIV
;
_entity_poly.pdbx_strand_id   A
#
# COMPACT_ATOMS: atom_id res chain seq x y z
N LEU A 16 33.26 21.25 -0.68
CA LEU A 16 34.12 20.22 0.04
C LEU A 16 33.26 19.20 0.84
N TYR A 17 32.50 19.64 1.87
CA TYR A 17 31.43 18.83 2.52
C TYR A 17 30.07 19.42 2.15
N PHE A 18 29.15 18.57 1.68
CA PHE A 18 27.72 18.91 1.43
C PHE A 18 26.87 17.97 2.30
N GLN A 19 26.15 18.57 3.25
CA GLN A 19 25.23 17.90 4.21
C GLN A 19 24.01 17.41 3.40
N GLY A 20 23.70 16.13 3.45
CA GLY A 20 22.43 15.60 2.91
C GLY A 20 21.28 15.87 3.87
N HIS A 21 20.13 15.22 3.64
CA HIS A 21 18.91 15.21 4.51
C HIS A 21 18.36 13.78 4.59
N MET A 22 17.86 13.35 5.75
CA MET A 22 17.13 12.07 5.90
C MET A 22 15.95 12.02 4.91
N LYS A 23 15.66 10.87 4.30
CA LYS A 23 14.36 10.72 3.59
C LYS A 23 13.36 10.15 4.62
N ASN A 24 12.12 10.60 4.53
CA ASN A 24 11.05 10.19 5.48
C ASN A 24 9.97 9.41 4.71
N VAL A 25 9.61 8.24 5.21
CA VAL A 25 8.45 7.49 4.70
C VAL A 25 7.36 7.45 5.79
N LEU A 26 6.15 7.81 5.40
CA LEU A 26 4.91 7.48 6.18
C LEU A 26 4.46 6.08 5.76
N LEU A 27 4.62 5.11 6.65
CA LEU A 27 4.24 3.74 6.39
C LEU A 27 2.92 3.42 7.10
N ILE A 28 1.88 3.10 6.32
CA ILE A 28 0.55 2.60 6.79
C ILE A 28 0.48 1.10 6.57
N GLY A 29 0.14 0.35 7.62
CA GLY A 29 -0.02 -1.12 7.55
C GLY A 29 1.26 -1.85 7.95
N ALA A 30 2.11 -1.24 8.79
CA ALA A 30 3.44 -1.79 9.17
C ALA A 30 3.31 -3.13 9.88
N CYS A 31 2.15 -3.48 10.45
CA CYS A 31 2.00 -4.69 11.32
C CYS A 31 1.78 -5.97 10.51
N GLY A 32 1.23 -5.90 9.30
CA GLY A 32 1.04 -7.08 8.44
C GLY A 32 2.36 -7.59 7.86
N ALA A 33 2.34 -8.81 7.29
CA ALA A 33 3.53 -9.47 6.68
C ALA A 33 4.21 -8.53 5.69
N LEU A 34 3.49 -7.95 4.72
CA LEU A 34 4.13 -7.09 3.68
C LEU A 34 4.60 -5.81 4.38
N GLY A 35 3.82 -5.30 5.32
CA GLY A 35 4.19 -4.10 6.10
C GLY A 35 5.55 -4.27 6.81
N ARG A 36 5.78 -5.39 7.47
CA ARG A 36 7.04 -5.66 8.21
C ARG A 36 8.18 -5.77 7.19
N ALA A 37 7.97 -6.42 6.04
CA ALA A 37 9.01 -6.59 5.00
C ALA A 37 9.37 -5.20 4.47
N VAL A 38 8.37 -4.34 4.33
CA VAL A 38 8.59 -2.98 3.78
C VAL A 38 9.36 -2.14 4.80
N ALA A 39 8.99 -2.20 6.08
CA ALA A 39 9.70 -1.48 7.16
C ALA A 39 11.19 -1.90 7.17
N ASN A 40 11.46 -3.20 7.12
CA ASN A 40 12.84 -3.75 7.10
C ASN A 40 13.61 -3.20 5.89
N ALA A 41 12.97 -3.09 4.73
CA ALA A 41 13.68 -2.62 3.51
C ALA A 41 13.98 -1.13 3.65
N PHE A 42 13.07 -0.32 4.17
CA PHE A 42 13.34 1.12 4.32
C PHE A 42 14.47 1.30 5.35
N ALA A 43 14.46 0.50 6.39
CA ALA A 43 15.43 0.63 7.51
C ALA A 43 16.83 0.27 6.97
N LYS A 44 16.98 -0.83 6.21
CA LYS A 44 18.26 -1.22 5.55
C LYS A 44 18.68 -0.13 4.59
N GLY A 45 17.71 0.59 4.00
CA GLY A 45 17.92 1.71 3.07
C GLY A 45 18.15 3.04 3.76
N LYS A 46 18.25 3.05 5.09
CA LYS A 46 18.63 4.25 5.90
C LYS A 46 17.59 5.35 5.80
N TRP A 47 16.35 5.01 5.47
CA TRP A 47 15.23 5.97 5.57
C TRP A 47 14.82 6.12 7.06
N SER A 48 14.32 7.29 7.39
CA SER A 48 13.46 7.54 8.57
C SER A 48 12.05 7.01 8.29
N ILE A 49 11.55 6.12 9.16
CA ILE A 49 10.18 5.53 9.04
C ILE A 49 9.24 6.10 10.12
N ILE A 50 8.15 6.73 9.71
CA ILE A 50 6.99 6.99 10.60
C ILE A 50 5.92 5.90 10.42
N SER A 51 5.87 4.90 11.30
CA SER A 51 4.88 3.81 11.28
C SER A 51 3.61 4.24 12.06
N VAL A 52 2.67 4.92 11.41
CA VAL A 52 1.45 5.49 12.07
C VAL A 52 0.71 4.40 12.86
N ASP A 53 0.72 3.14 12.42
CA ASP A 53 -0.13 2.07 13.02
C ASP A 53 0.58 1.45 14.23
N GLN A 54 1.71 2.01 14.65
CA GLN A 54 2.60 1.34 15.63
C GLN A 54 2.85 2.24 16.84
N ALA A 55 2.79 1.67 18.05
CA ALA A 55 3.40 2.17 19.31
C ALA A 55 3.25 3.70 19.41
N CYS A 64 1.10 -1.05 17.96
CA CYS A 64 0.56 -1.95 16.89
C CYS A 64 -0.96 -2.12 17.11
N GLY A 65 -1.77 -1.66 16.14
CA GLY A 65 -3.13 -1.19 16.39
C GLY A 65 -3.09 0.19 17.04
N ALA A 66 -2.13 1.04 16.69
CA ALA A 66 -2.02 2.36 17.33
C ALA A 66 -3.17 3.26 16.93
N VAL A 67 -3.74 3.11 15.73
CA VAL A 67 -4.87 3.94 15.22
C VAL A 67 -6.12 3.04 15.21
N ASN A 68 -7.20 3.49 15.81
CA ASN A 68 -8.45 2.68 15.95
C ASN A 68 -9.00 2.35 14.54
N PRO A 69 -9.19 1.08 14.12
CA PRO A 69 -9.83 0.79 12.82
C PRO A 69 -11.21 1.42 12.60
N ALA A 70 -11.93 1.70 13.69
CA ALA A 70 -13.27 2.33 13.66
C ALA A 70 -13.11 3.81 13.36
N SER A 71 -11.89 4.32 13.14
CA SER A 71 -11.69 5.75 12.81
C SER A 71 -12.41 6.11 11.52
N SER A 72 -13.04 7.27 11.53
CA SER A 72 -13.53 7.94 10.31
C SER A 72 -12.34 8.26 9.39
N ILE A 73 -12.63 8.58 8.12
CA ILE A 73 -11.56 9.02 7.19
C ILE A 73 -10.97 10.31 7.76
N GLU A 74 -11.79 11.21 8.30
CA GLU A 74 -11.28 12.48 8.83
C GLU A 74 -10.33 12.22 10.00
N GLU A 75 -10.66 11.28 10.90
CA GLU A 75 -9.83 10.93 12.06
C GLU A 75 -8.53 10.29 11.59
N LEU A 76 -8.55 9.46 10.56
CA LEU A 76 -7.29 8.86 10.03
C LEU A 76 -6.41 9.99 9.51
N GLN A 77 -6.95 10.93 8.75
CA GLN A 77 -6.11 11.95 8.14
C GLN A 77 -5.54 12.88 9.22
N GLN A 78 -6.24 13.05 10.34
CA GLN A 78 -5.75 13.76 11.54
C GLN A 78 -4.60 12.99 12.19
N ALA A 79 -4.74 11.69 12.42
CA ALA A 79 -3.71 10.84 13.04
C ALA A 79 -2.48 10.80 12.11
N TYR A 80 -2.72 10.87 10.78
CA TYR A 80 -1.63 10.79 9.77
C TYR A 80 -0.88 12.14 9.75
N LYS A 81 -1.59 13.27 9.66
CA LYS A 81 -1.00 14.64 9.70
C LYS A 81 -0.22 14.76 11.02
N SER A 82 -0.81 14.36 12.13
CA SER A 82 -0.15 14.51 13.46
C SER A 82 1.16 13.69 13.49
N ALA A 83 1.27 12.51 12.88
CA ALA A 83 2.45 11.63 12.99
C ALA A 83 3.65 12.22 12.25
N VAL A 84 3.42 13.07 11.26
CA VAL A 84 4.48 13.65 10.41
C VAL A 84 4.56 15.18 10.61
N THR A 85 4.10 15.77 11.71
CA THR A 85 4.13 17.26 11.86
C THR A 85 5.59 17.76 11.73
N GLY A 86 5.73 18.90 11.04
CA GLY A 86 7.01 19.56 10.64
C GLY A 86 8.00 18.61 9.97
N LEU A 87 7.53 17.62 9.21
CA LEU A 87 8.35 16.83 8.25
C LEU A 87 7.72 17.03 6.87
N LYS A 88 8.50 16.98 5.81
CA LYS A 88 7.96 16.64 4.46
C LYS A 88 8.30 15.15 4.20
N VAL A 89 7.41 14.45 3.53
CA VAL A 89 7.51 12.98 3.37
C VAL A 89 7.84 12.76 1.90
N ASP A 90 8.89 11.98 1.69
CA ASP A 90 9.34 11.63 0.32
C ASP A 90 8.44 10.48 -0.17
N ALA A 91 7.92 9.66 0.73
CA ALA A 91 7.00 8.56 0.35
C ALA A 91 5.87 8.38 1.39
N VAL A 92 4.66 8.09 0.88
CA VAL A 92 3.51 7.61 1.69
C VAL A 92 3.10 6.27 1.12
N ILE A 93 3.33 5.24 1.91
CA ILE A 93 3.23 3.84 1.46
C ILE A 93 2.11 3.20 2.29
N ASN A 94 1.06 2.78 1.60
CA ASN A 94 -0.09 2.14 2.28
C ASN A 94 -0.14 0.68 1.88
N VAL A 95 0.17 -0.22 2.80
CA VAL A 95 0.21 -1.68 2.49
C VAL A 95 -0.73 -2.39 3.46
N ALA A 96 -1.62 -1.64 4.08
CA ALA A 96 -2.61 -2.15 5.05
C ALA A 96 -3.61 -3.03 4.32
N GLY A 97 -4.17 -3.99 5.03
CA GLY A 97 -5.35 -4.71 4.55
C GLY A 97 -5.15 -6.18 4.76
N GLY A 98 -6.17 -6.80 5.33
CA GLY A 98 -6.28 -8.26 5.44
C GLY A 98 -7.15 -8.80 4.33
N TRP A 99 -7.66 -9.98 4.54
CA TRP A 99 -8.46 -10.68 3.51
C TRP A 99 -9.54 -11.40 4.27
N ALA A 100 -10.75 -11.33 3.75
CA ALA A 100 -11.89 -12.16 4.16
C ALA A 100 -12.65 -12.54 2.87
N GLY A 101 -13.19 -13.76 2.82
CA GLY A 101 -14.11 -14.28 1.79
C GLY A 101 -15.53 -13.85 2.08
N GLY A 102 -16.43 -14.28 1.19
CA GLY A 102 -17.87 -14.19 1.43
C GLY A 102 -18.60 -13.68 0.22
N SER A 103 -19.80 -14.22 0.03
CA SER A 103 -20.76 -13.82 -1.01
C SER A 103 -21.83 -12.98 -0.32
N VAL A 104 -22.73 -12.42 -1.10
CA VAL A 104 -23.85 -11.62 -0.54
C VAL A 104 -24.80 -12.57 0.21
N ALA A 105 -24.63 -13.88 0.04
CA ALA A 105 -25.42 -14.90 0.81
C ALA A 105 -25.08 -14.86 2.31
N ASP A 106 -23.80 -14.70 2.68
CA ASP A 106 -23.38 -14.80 4.11
C ASP A 106 -23.75 -13.52 4.84
N ALA A 107 -24.41 -13.63 6.00
CA ALA A 107 -24.70 -12.48 6.89
C ALA A 107 -23.39 -11.78 7.30
N ARG A 108 -22.25 -12.50 7.32
CA ARG A 108 -21.02 -11.89 7.88
C ARG A 108 -20.30 -11.09 6.77
N THR A 109 -20.76 -11.15 5.52
CA THR A 109 -20.13 -10.33 4.45
C THR A 109 -20.25 -8.86 4.82
N ALA A 110 -21.34 -8.40 5.45
CA ALA A 110 -21.53 -6.97 5.76
C ALA A 110 -20.32 -6.46 6.60
N ALA A 111 -20.03 -7.12 7.73
CA ALA A 111 -18.99 -6.75 8.72
C ALA A 111 -17.59 -6.86 8.11
N SER A 112 -17.31 -7.96 7.42
CA SER A 112 -16.01 -8.20 6.78
C SER A 112 -15.79 -7.19 5.66
N THR A 113 -16.81 -6.83 4.85
CA THR A 113 -16.59 -5.82 3.78
C THR A 113 -16.35 -4.46 4.40
N GLU A 114 -17.04 -4.09 5.48
CA GLU A 114 -16.83 -2.78 6.08
C GLU A 114 -15.37 -2.73 6.57
N LEU A 115 -14.87 -3.84 7.10
CA LEU A 115 -13.47 -3.90 7.61
C LEU A 115 -12.49 -3.69 6.44
N MET A 116 -12.66 -4.40 5.33
CA MET A 116 -11.74 -4.25 4.19
C MET A 116 -11.86 -2.85 3.60
N LEU A 117 -13.06 -2.25 3.55
CA LEU A 117 -13.19 -0.85 3.07
C LEU A 117 -12.39 0.07 4.02
N ARG A 118 -12.50 -0.16 5.34
CA ARG A 118 -11.83 0.75 6.30
C ARG A 118 -10.30 0.56 6.17
N GLN A 119 -9.82 -0.67 6.12
CA GLN A 119 -8.36 -0.95 6.14
C GLN A 119 -7.68 -0.46 4.85
N SER A 120 -8.38 -0.57 3.70
CA SER A 120 -7.75 -0.35 2.36
C SER A 120 -8.18 1.00 1.76
N LEU A 121 -9.46 1.31 1.78
CA LEU A 121 -9.98 2.49 1.08
C LEU A 121 -10.00 3.73 1.97
N PHE A 122 -10.54 3.64 3.19
CA PHE A 122 -10.53 4.77 4.15
C PHE A 122 -9.08 5.26 4.34
N SER A 123 -8.16 4.33 4.63
CA SER A 123 -6.70 4.60 4.81
C SER A 123 -6.11 5.29 3.58
N SER A 124 -6.50 4.90 2.36
CA SER A 124 -5.94 5.39 1.10
C SER A 124 -6.41 6.81 0.81
N VAL A 125 -7.65 7.13 1.15
CA VAL A 125 -8.19 8.49 0.96
C VAL A 125 -7.47 9.49 1.90
N ALA A 126 -7.33 9.16 3.16
CA ALA A 126 -6.59 9.92 4.19
C ALA A 126 -5.09 10.05 3.75
N ALA A 127 -4.48 8.96 3.33
CA ALA A 127 -3.05 8.93 2.90
C ALA A 127 -2.88 9.88 1.73
N ALA A 128 -3.84 9.97 0.82
CA ALA A 128 -3.74 10.84 -0.35
C ALA A 128 -3.72 12.31 0.09
N HIS A 129 -4.42 12.64 1.17
CA HIS A 129 -4.56 14.06 1.56
C HIS A 129 -3.24 14.50 2.20
N VAL A 130 -2.68 13.69 3.08
CA VAL A 130 -1.37 13.93 3.72
C VAL A 130 -0.28 13.99 2.64
N PHE A 131 -0.33 13.13 1.62
CA PHE A 131 0.66 13.14 0.52
C PHE A 131 0.54 14.48 -0.19
N SER A 132 -0.67 14.92 -0.43
CA SER A 132 -0.94 16.16 -1.19
C SER A 132 -0.42 17.37 -0.41
N THR A 133 -0.52 17.35 0.92
CA THR A 133 -0.22 18.56 1.73
C THR A 133 1.16 18.52 2.36
N GLN A 134 1.74 17.36 2.62
CA GLN A 134 3.04 17.23 3.32
C GLN A 134 4.10 16.53 2.44
N GLY A 135 3.77 16.26 1.19
CA GLY A 135 4.62 15.40 0.35
C GLY A 135 5.72 16.19 -0.33
N GLU A 136 6.90 15.57 -0.52
CA GLU A 136 8.08 16.22 -1.17
C GLU A 136 7.93 16.17 -2.70
N LYS A 137 8.55 17.09 -3.45
CA LYS A 137 8.60 17.05 -4.93
C LYS A 137 9.24 15.72 -5.32
N ASP A 138 8.82 15.12 -6.43
CA ASP A 138 9.24 13.79 -6.91
C ASP A 138 8.87 12.69 -5.89
N GLY A 139 7.93 12.99 -4.97
CA GLY A 139 7.51 12.05 -3.92
C GLY A 139 6.66 10.91 -4.48
N LEU A 140 6.52 9.84 -3.71
CA LEU A 140 5.74 8.64 -4.14
C LEU A 140 4.56 8.44 -3.18
N LEU A 141 3.37 8.24 -3.75
CA LEU A 141 2.24 7.66 -3.00
C LEU A 141 1.97 6.26 -3.57
N LEU A 142 2.04 5.26 -2.72
CA LEU A 142 1.85 3.90 -3.15
C LEU A 142 0.66 3.30 -2.42
N LEU A 143 -0.28 2.78 -3.20
CA LEU A 143 -1.50 2.15 -2.67
C LEU A 143 -1.45 0.67 -3.04
N THR A 144 -2.16 -0.15 -2.29
CA THR A 144 -2.17 -1.61 -2.49
C THR A 144 -3.54 -2.03 -3.00
N GLY A 145 -3.59 -2.49 -4.25
CA GLY A 145 -4.74 -3.18 -4.85
C GLY A 145 -4.63 -4.68 -4.79
N ALA A 146 -5.16 -5.35 -5.82
CA ALA A 146 -5.22 -6.82 -5.95
C ALA A 146 -5.46 -7.12 -7.43
N ALA A 147 -4.61 -7.92 -8.04
CA ALA A 147 -4.80 -8.37 -9.42
C ALA A 147 -6.20 -9.00 -9.50
N ALA A 148 -6.68 -9.67 -8.47
CA ALA A 148 -7.94 -10.43 -8.60
C ALA A 148 -9.11 -9.44 -8.78
N ALA A 149 -8.96 -8.17 -8.41
CA ALA A 149 -10.03 -7.15 -8.45
C ALA A 149 -10.09 -6.51 -9.84
N LEU A 150 -9.28 -6.97 -10.79
CA LEU A 150 -9.37 -6.52 -12.19
C LEU A 150 -10.61 -7.14 -12.85
N SER A 151 -11.18 -8.18 -12.26
CA SER A 151 -12.35 -9.00 -12.72
C SER A 151 -13.36 -9.01 -11.62
N PRO A 152 -14.67 -9.28 -11.90
CA PRO A 152 -15.65 -9.45 -10.83
C PRO A 152 -15.19 -10.56 -9.87
N THR A 153 -15.54 -10.46 -8.59
CA THR A 153 -15.10 -11.37 -7.48
C THR A 153 -16.32 -11.81 -6.70
N PRO A 154 -17.18 -12.70 -7.26
CA PRO A 154 -18.39 -13.14 -6.56
C PRO A 154 -18.19 -13.79 -5.18
N GLY A 155 -17.11 -14.52 -5.02
CA GLY A 155 -16.81 -15.22 -3.76
C GLY A 155 -16.01 -14.37 -2.79
N MET A 156 -15.60 -13.16 -3.22
CA MET A 156 -14.81 -12.24 -2.36
C MET A 156 -15.38 -10.84 -2.51
N ILE A 157 -16.65 -10.64 -2.21
CA ILE A 157 -17.38 -9.39 -2.53
C ILE A 157 -16.64 -8.21 -1.91
N GLY A 158 -16.40 -8.25 -0.60
CA GLY A 158 -15.83 -7.14 0.18
C GLY A 158 -14.44 -6.76 -0.30
N TYR A 159 -13.62 -7.78 -0.49
CA TYR A 159 -12.20 -7.63 -0.84
C TYR A 159 -12.05 -7.11 -2.25
N GLY A 160 -12.80 -7.67 -3.21
CA GLY A 160 -12.77 -7.22 -4.60
C GLY A 160 -13.28 -5.78 -4.71
N THR A 161 -14.35 -5.45 -3.99
CA THR A 161 -14.96 -4.11 -4.05
C THR A 161 -13.99 -3.09 -3.45
N ALA A 162 -13.37 -3.41 -2.30
CA ALA A 162 -12.44 -2.48 -1.64
C ALA A 162 -11.24 -2.24 -2.55
N LYS A 163 -10.69 -3.28 -3.17
CA LYS A 163 -9.44 -3.13 -3.94
C LYS A 163 -9.75 -2.50 -5.29
N SER A 164 -10.91 -2.81 -5.88
CA SER A 164 -11.35 -2.15 -7.13
C SER A 164 -11.39 -0.62 -6.90
N ALA A 165 -11.90 -0.25 -5.76
CA ALA A 165 -12.03 1.17 -5.38
C ALA A 165 -10.65 1.81 -5.23
N VAL A 166 -9.70 1.11 -4.62
CA VAL A 166 -8.30 1.59 -4.51
C VAL A 166 -7.74 1.82 -5.93
N HIS A 167 -7.95 0.91 -6.85
CA HIS A 167 -7.44 1.06 -8.22
C HIS A 167 -8.03 2.34 -8.83
N PHE A 168 -9.34 2.56 -8.68
CA PHE A 168 -10.03 3.74 -9.23
C PHE A 168 -9.46 5.01 -8.58
N LEU A 169 -9.29 4.98 -7.26
CA LEU A 169 -8.77 6.12 -6.48
C LEU A 169 -7.36 6.49 -6.97
N CYS A 170 -6.53 5.48 -7.20
CA CYS A 170 -5.17 5.70 -7.74
C CYS A 170 -5.27 6.40 -9.12
N GLN A 171 -6.06 5.90 -10.05
CA GLN A 171 -6.21 6.54 -11.38
C GLN A 171 -6.74 7.96 -11.26
N SER A 172 -7.67 8.19 -10.33
CA SER A 172 -8.32 9.50 -10.18
C SER A 172 -7.36 10.55 -9.62
N ILE A 173 -6.57 10.19 -8.61
CA ILE A 173 -5.52 11.04 -7.98
C ILE A 173 -4.52 11.41 -9.07
N ALA A 174 -4.04 10.43 -9.83
CA ALA A 174 -3.04 10.65 -10.89
C ALA A 174 -3.57 11.61 -11.96
N ALA A 175 -4.88 11.65 -12.18
CA ALA A 175 -5.46 12.34 -13.35
C ALA A 175 -5.43 13.85 -13.15
N ASP A 176 -5.18 14.39 -11.95
CA ASP A 176 -4.94 15.86 -11.74
C ASP A 176 -3.65 16.12 -10.96
N PRO A 177 -2.52 16.23 -11.68
CA PRO A 177 -1.22 16.39 -11.03
C PRO A 177 -1.08 17.72 -10.29
N SER A 178 -1.89 18.72 -10.62
CA SER A 178 -1.81 20.07 -9.98
C SER A 178 -2.04 20.02 -8.46
N VAL A 179 -2.56 18.93 -7.88
CA VAL A 179 -2.81 18.92 -6.42
C VAL A 179 -1.86 17.93 -5.76
N LEU A 180 -0.93 17.38 -6.55
CA LEU A 180 0.21 16.61 -5.99
C LEU A 180 1.49 17.47 -6.03
N PRO A 181 2.53 17.15 -5.23
CA PRO A 181 3.83 17.80 -5.34
C PRO A 181 4.39 17.64 -6.76
N THR A 182 5.24 18.58 -7.19
CA THR A 182 5.80 18.56 -8.57
C THR A 182 6.52 17.23 -8.80
N ASP A 183 6.29 16.61 -9.95
CA ASP A 183 6.90 15.32 -10.38
C ASP A 183 6.55 14.16 -9.42
N ALA A 184 5.49 14.31 -8.64
CA ALA A 184 4.92 13.23 -7.82
C ALA A 184 4.46 12.09 -8.74
N SER A 185 4.51 10.90 -8.17
CA SER A 185 3.99 9.67 -8.78
C SER A 185 2.99 9.02 -7.81
N VAL A 186 1.86 8.55 -8.31
CA VAL A 186 0.94 7.65 -7.58
C VAL A 186 0.91 6.31 -8.30
N LEU A 187 1.09 5.25 -7.55
CA LEU A 187 1.12 3.87 -8.11
C LEU A 187 0.29 3.00 -7.20
N ALA A 188 -0.36 1.99 -7.77
CA ALA A 188 -0.98 0.91 -6.99
C ALA A 188 -0.28 -0.38 -7.34
N ILE A 189 0.01 -1.21 -6.36
CA ILE A 189 0.58 -2.55 -6.61
C ILE A 189 -0.59 -3.53 -6.57
N LEU A 190 -0.60 -4.43 -7.52
CA LEU A 190 -1.66 -5.45 -7.66
C LEU A 190 -0.98 -6.82 -7.54
N PRO A 191 -0.79 -7.33 -6.32
CA PRO A 191 -0.29 -8.70 -6.14
C PRO A 191 -1.32 -9.71 -6.59
N THR A 192 -0.82 -10.87 -6.99
CA THR A 192 -1.65 -12.07 -7.21
C THR A 192 -1.64 -12.88 -5.92
N ILE A 193 -0.53 -13.55 -5.63
CA ILE A 193 -0.36 -14.32 -4.37
C ILE A 193 1.02 -13.94 -3.77
N LEU A 194 1.06 -13.58 -2.51
CA LEU A 194 2.29 -13.23 -1.78
C LEU A 194 2.69 -14.44 -0.93
N ASP A 195 3.98 -14.69 -0.80
CA ASP A 195 4.49 -15.81 0.03
C ASP A 195 4.50 -15.35 1.49
N THR A 196 3.35 -15.41 2.13
CA THR A 196 3.14 -15.03 3.56
C THR A 196 2.95 -16.28 4.41
N PRO A 197 3.28 -16.23 5.72
CA PRO A 197 2.94 -17.32 6.66
C PRO A 197 1.48 -17.81 6.58
N GLY A 198 0.52 -16.88 6.44
CA GLY A 198 -0.91 -17.18 6.25
C GLY A 198 -1.14 -18.05 5.03
N ASN A 199 -0.54 -17.68 3.90
CA ASN A 199 -0.69 -18.44 2.64
C ASN A 199 -0.06 -19.83 2.77
N ARG A 200 1.08 -19.95 3.42
CA ARG A 200 1.77 -21.24 3.67
C ARG A 200 0.87 -22.19 4.47
N SER A 201 0.28 -21.74 5.58
CA SER A 201 -0.51 -22.62 6.49
C SER A 201 -1.89 -22.90 5.87
N ALA A 202 -2.48 -21.97 5.11
CA ALA A 202 -3.75 -22.16 4.35
C ALA A 202 -3.59 -23.20 3.21
N MET A 203 -2.47 -23.17 2.49
CA MET A 203 -2.25 -24.00 1.28
C MET A 203 -0.91 -24.69 1.44
N PRO A 204 -0.77 -25.64 2.39
CA PRO A 204 0.55 -26.11 2.78
C PRO A 204 1.11 -27.19 1.84
N HIS A 205 0.36 -27.75 0.90
CA HIS A 205 0.96 -28.67 -0.13
C HIS A 205 0.92 -28.07 -1.54
N ALA A 206 0.62 -26.77 -1.71
CA ALA A 206 0.59 -26.13 -3.04
C ALA A 206 2.02 -25.77 -3.50
N ASP A 207 2.16 -25.68 -4.80
CA ASP A 207 3.36 -25.13 -5.47
C ASP A 207 3.43 -23.63 -5.23
N ARG A 208 4.60 -23.15 -4.82
CA ARG A 208 4.85 -21.73 -4.47
C ARG A 208 5.66 -21.04 -5.54
N SER A 209 5.77 -21.65 -6.72
CA SER A 209 6.60 -21.10 -7.82
C SER A 209 5.94 -19.80 -8.35
N THR A 210 4.63 -19.58 -8.14
CA THR A 210 3.98 -18.29 -8.55
C THR A 210 3.80 -17.35 -7.34
N TRP A 211 4.22 -17.70 -6.11
CA TRP A 211 4.03 -16.84 -4.90
C TRP A 211 5.16 -15.80 -4.82
N THR A 212 4.84 -14.52 -4.76
CA THR A 212 5.84 -13.44 -4.78
C THR A 212 6.48 -13.34 -3.42
N SER A 213 7.81 -13.27 -3.38
CA SER A 213 8.55 -13.06 -2.12
C SER A 213 8.21 -11.67 -1.57
N LEU A 214 7.97 -11.55 -0.26
CA LEU A 214 7.70 -10.22 0.35
C LEU A 214 8.88 -9.28 0.17
N GLU A 215 10.10 -9.82 0.19
CA GLU A 215 11.36 -9.02 0.07
C GLU A 215 11.46 -8.43 -1.35
N ASP A 216 11.10 -9.17 -2.41
CA ASP A 216 11.06 -8.59 -3.78
C ASP A 216 10.08 -7.41 -3.83
N VAL A 217 8.91 -7.53 -3.21
CA VAL A 217 7.95 -6.39 -3.25
C VAL A 217 8.52 -5.19 -2.49
N ALA A 218 9.03 -5.43 -1.29
CA ALA A 218 9.58 -4.38 -0.42
C ALA A 218 10.75 -3.66 -1.12
N GLN A 219 11.64 -4.42 -1.78
CA GLN A 219 12.79 -3.80 -2.48
C GLN A 219 12.32 -2.98 -3.67
N GLN A 220 11.28 -3.43 -4.38
CA GLN A 220 10.73 -2.65 -5.49
C GLN A 220 10.16 -1.32 -4.97
N ILE A 221 9.47 -1.38 -3.83
CA ILE A 221 8.85 -0.18 -3.22
C ILE A 221 9.95 0.83 -2.82
N VAL A 222 11.00 0.35 -2.17
CA VAL A 222 12.14 1.25 -1.85
C VAL A 222 12.79 1.84 -3.11
N GLU A 223 12.99 1.03 -4.14
CA GLU A 223 13.60 1.55 -5.40
C GLU A 223 12.73 2.65 -5.99
N TRP A 224 11.40 2.44 -6.09
CA TRP A 224 10.51 3.51 -6.59
C TRP A 224 10.58 4.72 -5.66
N SER A 225 10.62 4.48 -4.34
CA SER A 225 10.63 5.60 -3.35
C SER A 225 11.95 6.41 -3.47
N ASN A 226 13.06 5.76 -3.75
CA ASN A 226 14.33 6.51 -4.06
C ASN A 226 14.29 7.23 -5.42
N GLY A 227 13.34 6.99 -6.31
CA GLY A 227 13.13 7.88 -7.45
C GLY A 227 13.20 7.21 -8.81
N SER A 228 13.67 5.97 -8.93
CA SER A 228 13.96 5.41 -10.28
C SER A 228 12.98 4.29 -10.65
N ARG A 229 12.87 4.02 -11.95
CA ARG A 229 12.15 2.86 -12.54
C ARG A 229 10.61 2.98 -12.34
N ARG A 230 10.10 4.16 -12.05
CA ARG A 230 8.63 4.38 -11.86
C ARG A 230 7.93 4.30 -13.21
N PRO A 231 6.86 3.49 -13.37
CA PRO A 231 6.05 3.62 -14.57
C PRO A 231 5.27 4.93 -14.47
N ALA A 232 4.40 5.21 -15.44
CA ALA A 232 3.60 6.44 -15.49
C ALA A 232 2.72 6.53 -14.23
N SER A 233 2.61 7.71 -13.64
CA SER A 233 1.70 8.01 -12.51
C SER A 233 0.28 7.51 -12.84
N GLY A 234 -0.37 6.83 -11.89
CA GLY A 234 -1.73 6.28 -12.06
C GLY A 234 -1.68 4.84 -12.50
N SER A 235 -0.48 4.30 -12.72
CA SER A 235 -0.34 2.89 -13.15
C SER A 235 -0.86 1.92 -12.09
N LEU A 236 -1.51 0.86 -12.57
CA LEU A 236 -1.85 -0.36 -11.81
C LEU A 236 -0.75 -1.39 -12.13
N VAL A 237 0.22 -1.55 -11.21
CA VAL A 237 1.40 -2.42 -11.46
C VAL A 237 1.08 -3.80 -10.95
N LYS A 238 0.85 -4.72 -11.85
CA LYS A 238 0.65 -6.15 -11.52
C LYS A 238 2.00 -6.75 -11.09
N ILE A 239 1.99 -7.55 -10.03
CA ILE A 239 3.19 -8.29 -9.57
C ILE A 239 3.02 -9.71 -10.05
N VAL A 240 3.85 -10.15 -10.97
CA VAL A 240 3.70 -11.46 -11.67
C VAL A 240 4.96 -12.28 -11.42
N THR A 241 4.78 -13.39 -10.72
CA THR A 241 5.82 -14.37 -10.34
C THR A 241 5.57 -15.66 -11.15
N GLU A 242 6.60 -16.11 -11.82
CA GLU A 242 6.63 -17.34 -12.66
C GLU A 242 7.96 -18.00 -12.43
N ASN A 243 8.00 -19.30 -12.08
CA ASN A 243 9.28 -20.03 -11.82
C ASN A 243 10.09 -19.25 -10.80
N SER A 244 9.42 -18.73 -9.79
CA SER A 244 10.01 -18.02 -8.64
C SER A 244 10.75 -16.75 -9.04
N LYS A 245 10.53 -16.19 -10.24
CA LYS A 245 11.07 -14.84 -10.54
C LYS A 245 9.91 -13.89 -10.78
N THR A 246 10.07 -12.66 -10.32
CA THR A 246 8.96 -11.68 -10.24
C THR A 246 9.19 -10.59 -11.28
N ARG A 247 8.15 -10.19 -12.00
CA ARG A 247 8.16 -8.92 -12.75
C ARG A 247 7.01 -8.01 -12.27
N PHE A 248 7.20 -6.71 -12.44
CA PHE A 248 6.28 -5.62 -12.06
C PHE A 248 5.77 -5.06 -13.40
N ILE A 249 4.55 -5.38 -13.80
CA ILE A 249 4.06 -5.15 -15.20
C ILE A 249 2.88 -4.18 -15.17
N VAL A 250 2.95 -3.11 -15.96
CA VAL A 250 1.78 -2.32 -16.44
C VAL A 250 1.41 -2.80 -17.85
#